data_9U5L
#
_entry.id   9U5L
#
_cell.length_a   197.783
_cell.length_b   41.391
_cell.length_c   58.458
_cell.angle_alpha   90.00
_cell.angle_beta   98.26
_cell.angle_gamma   90.00
#
_symmetry.space_group_name_H-M   'C 1 2 1'
#
loop_
_entity.id
_entity.type
_entity.pdbx_description
1 polymer 4-alpha-glucanotransferase
2 water water
#
_entity_poly.entity_id   1
_entity_poly.type   'polypeptide(L)'
_entity_poly.pdbx_seq_one_letter_code
;MELPRAFGLLLHPTSLPGPYGVGVLGQEARDFLRFLKEAGGQYWQVLPLGPTGYGDSPYQSFSAFAGNPYLVDLRPLAKR
GYVRLEDPGFPQGRVDYGLLYAWKWPALKEAFRGFQEKAPPEEREDFAAFREKEAWWLEDYALFMALKGAHGGLPWNRWP
LPLRKREEQALREAKSALAEEVAFHAFTQWLFFRQWGALKAEAEALGIRILGDMPIFVAEDSAEVWAHPEWFHLDEEGRP
TVVAGVPPDYFSETGQRWGNPLYRWDVLEREGFSFWIRRLEKALELFHLVRIDHFRGFEAYWEIPASCPTAVEGRWVKAP
GEKLFQKIQETFGQVPILAEDLGVITPEVEALRDRFGLPGMKVLQFAFDDGMENPFLPHNYPSHGRVVVYTGTHDNDTTL
GWYRTATPHEKAFMARYLADWGIFFREEEEVPWALMRLGMKSVARLAVYPVQDVLALGSEARMNYPGRPSGNWAWRLLPG
ELSPEHGERLRAMAEATERL
;
_entity_poly.pdbx_strand_id   A
#
# COMPACT_ATOMS: atom_id res chain seq x y z
N GLU A 2 -3.63 -21.46 -6.62
CA GLU A 2 -3.34 -22.02 -5.27
C GLU A 2 -1.96 -21.55 -4.82
N LEU A 3 -1.90 -20.89 -3.66
CA LEU A 3 -0.69 -20.24 -3.19
C LEU A 3 0.39 -21.28 -2.91
N PRO A 4 1.65 -21.05 -3.34
CA PRO A 4 2.75 -21.92 -2.98
C PRO A 4 3.15 -21.72 -1.52
N ARG A 5 3.62 -22.79 -0.88
CA ARG A 5 4.25 -22.66 0.43
C ARG A 5 5.58 -21.94 0.22
N ALA A 6 5.67 -20.71 0.75
CA ALA A 6 6.78 -19.81 0.43
C ALA A 6 6.94 -18.74 1.51
N PHE A 7 7.99 -17.93 1.38
CA PHE A 7 8.18 -16.77 2.25
C PHE A 7 8.43 -15.53 1.39
N GLY A 8 8.03 -14.38 1.95
CA GLY A 8 8.28 -13.09 1.34
C GLY A 8 8.82 -12.11 2.37
N LEU A 9 9.18 -10.92 1.89
CA LEU A 9 9.59 -9.82 2.75
C LEU A 9 8.75 -8.60 2.39
N LEU A 10 8.38 -7.83 3.42
CA LEU A 10 7.62 -6.61 3.24
C LEU A 10 8.59 -5.43 3.25
N LEU A 11 8.59 -4.67 2.15
CA LEU A 11 9.36 -3.43 2.08
C LEU A 11 8.66 -2.47 1.12
N HIS A 12 8.28 -1.29 1.64
CA HIS A 12 7.72 -0.22 0.83
C HIS A 12 8.86 0.49 0.11
N PRO A 13 8.71 0.87 -1.19
CA PRO A 13 9.81 1.39 -1.98
C PRO A 13 10.48 2.65 -1.44
N THR A 14 9.78 3.42 -0.60
CA THR A 14 10.30 4.64 -0.01
C THR A 14 11.41 4.29 0.97
N SER A 15 11.30 3.10 1.61
CA SER A 15 12.25 2.63 2.60
C SER A 15 13.55 2.12 1.93
N LEU A 16 13.54 1.91 0.61
CA LEU A 16 14.73 1.48 -0.08
C LEU A 16 15.86 2.48 0.17
N PRO A 17 17.14 2.02 0.24
CA PRO A 17 18.27 2.92 0.34
C PRO A 17 18.54 3.64 -0.97
N GLY A 18 19.28 4.76 -0.89
CA GLY A 18 19.74 5.44 -2.09
C GLY A 18 19.74 6.96 -1.92
N PRO A 19 20.30 7.70 -2.90
CA PRO A 19 20.43 9.15 -2.79
C PRO A 19 19.13 9.89 -3.09
N TYR A 20 19.12 11.19 -2.76
CA TYR A 20 18.08 12.13 -3.13
C TYR A 20 16.86 12.00 -2.22
N GLY A 21 17.03 11.34 -1.07
CA GLY A 21 16.13 11.54 0.06
C GLY A 21 14.98 10.55 0.11
N VAL A 22 14.89 9.64 -0.86
CA VAL A 22 13.82 8.65 -0.88
C VAL A 22 14.27 7.46 -1.72
N GLY A 23 13.73 6.27 -1.40
CA GLY A 23 13.91 5.11 -2.23
C GLY A 23 13.07 5.24 -3.50
N VAL A 24 13.68 4.86 -4.64
CA VAL A 24 13.09 5.06 -5.95
C VAL A 24 13.10 3.73 -6.70
N LEU A 25 12.53 3.73 -7.90
CA LEU A 25 12.41 2.53 -8.72
C LEU A 25 13.65 2.37 -9.58
N GLY A 26 14.80 2.18 -8.93
CA GLY A 26 16.09 2.18 -9.60
C GLY A 26 16.93 0.96 -9.27
N GLN A 27 18.25 1.17 -9.21
CA GLN A 27 19.21 0.08 -9.07
C GLN A 27 19.07 -0.59 -7.70
N GLU A 28 18.75 0.20 -6.67
CA GLU A 28 18.67 -0.34 -5.32
C GLU A 28 17.49 -1.30 -5.19
N ALA A 29 16.44 -1.05 -5.97
CA ALA A 29 15.25 -1.90 -5.96
C ALA A 29 15.57 -3.26 -6.58
N ARG A 30 16.35 -3.24 -7.68
CA ARG A 30 16.83 -4.45 -8.32
C ARG A 30 17.72 -5.22 -7.34
N ASP A 31 18.58 -4.49 -6.61
CA ASP A 31 19.45 -5.07 -5.60
C ASP A 31 18.62 -5.79 -4.53
N PHE A 32 17.56 -5.14 -4.06
CA PHE A 32 16.69 -5.74 -3.06
C PHE A 32 16.11 -7.04 -3.63
N LEU A 33 15.62 -7.00 -4.88
CA LEU A 33 15.02 -8.16 -5.52
C LEU A 33 16.03 -9.30 -5.59
N ARG A 34 17.30 -8.96 -5.87
CA ARG A 34 18.35 -9.95 -5.94
C ARG A 34 18.52 -10.60 -4.57
N PHE A 35 18.60 -9.77 -3.52
CA PHE A 35 18.74 -10.24 -2.15
C PHE A 35 17.57 -11.18 -1.80
N LEU A 36 16.36 -10.73 -2.14
CA LEU A 36 15.15 -11.52 -1.90
C LEU A 36 15.25 -12.85 -2.63
N LYS A 37 15.74 -12.82 -3.87
CA LYS A 37 15.93 -14.00 -4.70
C LYS A 37 16.97 -14.93 -4.08
N GLU A 38 18.12 -14.36 -3.70
CA GLU A 38 19.24 -15.10 -3.15
C GLU A 38 18.88 -15.71 -1.80
N ALA A 39 18.02 -15.02 -1.04
CA ALA A 39 17.56 -15.49 0.26
C ALA A 39 16.50 -16.58 0.11
N GLY A 40 16.04 -16.79 -1.13
CA GLY A 40 15.10 -17.85 -1.44
C GLY A 40 13.64 -17.40 -1.29
N GLY A 41 13.42 -16.09 -1.06
CA GLY A 41 12.09 -15.55 -0.97
C GLY A 41 11.45 -15.46 -2.35
N GLN A 42 10.12 -15.56 -2.41
CA GLN A 42 9.40 -15.55 -3.68
C GLN A 42 8.33 -14.46 -3.71
N TYR A 43 8.24 -13.64 -2.64
CA TYR A 43 7.20 -12.63 -2.56
C TYR A 43 7.74 -11.32 -1.99
N TRP A 44 7.38 -10.22 -2.67
CA TRP A 44 7.66 -8.87 -2.18
C TRP A 44 6.35 -8.14 -1.94
N GLN A 45 6.17 -7.62 -0.72
CA GLN A 45 4.95 -6.91 -0.37
C GLN A 45 5.25 -5.42 -0.24
N VAL A 46 4.33 -4.62 -0.78
CA VAL A 46 4.43 -3.17 -0.74
C VAL A 46 3.12 -2.61 -0.19
N LEU A 47 3.21 -1.41 0.40
CA LEU A 47 2.04 -0.65 0.81
C LEU A 47 1.55 0.16 -0.41
N PRO A 48 0.39 0.84 -0.34
CA PRO A 48 -0.16 1.54 -1.51
C PRO A 48 0.85 2.49 -2.15
N LEU A 49 0.75 2.63 -3.48
CA LEU A 49 1.77 3.31 -4.26
C LEU A 49 1.23 4.60 -4.87
N GLY A 50 0.14 5.13 -4.31
CA GLY A 50 -0.49 6.32 -4.84
C GLY A 50 0.16 7.61 -4.31
N PRO A 51 -0.13 8.78 -4.93
CA PRO A 51 0.39 10.06 -4.46
C PRO A 51 -0.13 10.49 -3.10
N THR A 52 0.78 10.97 -2.24
CA THR A 52 0.52 11.22 -0.83
C THR A 52 0.26 12.71 -0.59
N GLY A 53 -0.56 13.00 0.43
CA GLY A 53 -0.86 14.36 0.85
C GLY A 53 -0.15 14.71 2.16
N TYR A 54 -0.76 15.61 2.94
CA TYR A 54 -0.28 15.96 4.27
C TYR A 54 -0.38 14.74 5.17
N GLY A 55 0.71 14.43 5.89
CA GLY A 55 0.77 13.25 6.73
C GLY A 55 1.43 12.08 6.01
N ASP A 56 1.58 12.22 4.69
CA ASP A 56 2.46 11.38 3.88
C ASP A 56 1.99 9.92 3.87
N SER A 57 0.71 9.68 4.19
CA SER A 57 0.18 8.34 4.34
C SER A 57 -0.11 7.73 2.96
N PRO A 58 0.38 6.51 2.66
CA PRO A 58 -0.03 5.81 1.45
C PRO A 58 -1.52 5.46 1.44
N TYR A 59 -2.11 5.39 2.64
CA TYR A 59 -3.48 4.96 2.82
C TYR A 59 -4.46 6.13 2.63
N GLN A 60 -3.95 7.35 2.50
CA GLN A 60 -4.76 8.48 2.05
C GLN A 60 -4.11 9.10 0.82
N SER A 61 -4.66 8.75 -0.36
CA SER A 61 -4.01 9.06 -1.63
C SER A 61 -4.86 10.03 -2.45
N PHE A 62 -4.19 10.78 -3.34
CA PHE A 62 -4.87 11.70 -4.25
C PHE A 62 -5.47 10.95 -5.43
N SER A 63 -4.99 9.72 -5.70
CA SER A 63 -5.56 8.92 -6.77
C SER A 63 -5.46 7.43 -6.43
N ALA A 64 -6.54 6.71 -6.74
CA ALA A 64 -6.56 5.25 -6.67
C ALA A 64 -5.70 4.67 -7.79
N PHE A 65 -5.55 5.43 -8.89
CA PHE A 65 -4.93 4.91 -10.10
C PHE A 65 -3.48 5.38 -10.21
N ALA A 66 -3.19 6.60 -9.76
CA ALA A 66 -1.89 7.22 -10.02
C ALA A 66 -0.80 6.56 -9.19
N GLY A 67 0.43 6.64 -9.71
CA GLY A 67 1.62 6.25 -8.97
C GLY A 67 2.18 7.42 -8.16
N ASN A 68 2.99 7.10 -7.15
CA ASN A 68 3.63 8.09 -6.31
C ASN A 68 4.73 8.77 -7.12
N PRO A 69 4.68 10.11 -7.31
CA PRO A 69 5.74 10.83 -7.98
C PRO A 69 7.09 10.76 -7.28
N TYR A 70 7.10 10.51 -5.97
CA TYR A 70 8.33 10.49 -5.19
C TYR A 70 9.13 9.22 -5.44
N LEU A 71 8.51 8.19 -6.02
CA LEU A 71 9.17 6.91 -6.22
C LEU A 71 9.90 6.88 -7.56
N VAL A 72 9.69 7.91 -8.39
CA VAL A 72 10.33 8.01 -9.70
C VAL A 72 11.82 8.26 -9.51
N ASP A 73 12.65 7.44 -10.17
CA ASP A 73 14.09 7.63 -10.19
C ASP A 73 14.43 8.72 -11.20
N LEU A 74 15.21 9.72 -10.77
CA LEU A 74 15.59 10.87 -11.60
C LEU A 74 16.96 10.66 -12.26
N ARG A 75 17.72 9.66 -11.81
CA ARG A 75 19.10 9.47 -12.25
C ARG A 75 19.14 9.13 -13.75
N PRO A 76 18.27 8.25 -14.29
CA PRO A 76 18.20 8.05 -15.74
C PRO A 76 18.02 9.33 -16.54
N LEU A 77 17.22 10.26 -16.02
CA LEU A 77 17.03 11.56 -16.64
C LEU A 77 18.32 12.37 -16.58
N ALA A 78 19.00 12.32 -15.42
CA ALA A 78 20.19 13.13 -15.19
C ALA A 78 21.36 12.66 -16.07
N LYS A 79 21.40 11.35 -16.35
CA LYS A 79 22.39 10.78 -17.25
C LYS A 79 22.15 11.26 -18.68
N ARG A 80 20.87 11.42 -19.04
CA ARG A 80 20.47 11.93 -20.34
C ARG A 80 20.68 13.44 -20.44
N GLY A 81 20.91 14.09 -19.29
CA GLY A 81 21.23 15.51 -19.25
C GLY A 81 19.97 16.38 -19.17
N TYR A 82 18.83 15.74 -18.91
CA TYR A 82 17.54 16.44 -18.85
C TYR A 82 17.46 17.28 -17.58
N VAL A 83 18.19 16.87 -16.53
CA VAL A 83 18.13 17.56 -15.24
C VAL A 83 19.49 17.44 -14.54
N ARG A 84 19.76 18.38 -13.63
CA ARG A 84 20.92 18.34 -12.75
C ARG A 84 20.44 18.21 -11.31
N LEU A 85 20.94 17.18 -10.61
CA LEU A 85 20.48 16.86 -9.27
C LEU A 85 21.57 17.17 -8.25
N GLU A 86 21.18 17.82 -7.15
CA GLU A 86 22.06 18.06 -6.02
C GLU A 86 21.30 17.74 -4.72
N ASP A 87 22.06 17.46 -3.66
CA ASP A 87 21.51 17.06 -2.37
C ASP A 87 21.35 18.28 -1.45
N PRO A 88 20.12 18.62 -1.02
CA PRO A 88 19.90 19.78 -0.15
C PRO A 88 20.25 19.53 1.32
N GLY A 89 20.65 18.30 1.65
CA GLY A 89 20.93 17.92 3.02
C GLY A 89 19.94 16.88 3.53
N PHE A 90 19.62 15.90 2.67
CA PHE A 90 18.65 14.87 3.00
C PHE A 90 19.18 14.00 4.12
N PRO A 91 18.34 13.59 5.09
CA PRO A 91 18.76 12.65 6.12
C PRO A 91 18.94 11.24 5.55
N GLN A 92 19.79 10.44 6.20
CA GLN A 92 19.99 9.06 5.78
C GLN A 92 19.35 8.15 6.82
N GLY A 93 18.66 7.12 6.34
CA GLY A 93 17.91 6.21 7.21
C GLY A 93 16.51 6.72 7.55
N ARG A 94 16.16 7.91 7.03
CA ARG A 94 14.87 8.52 7.28
C ARG A 94 14.45 9.34 6.07
N VAL A 95 13.15 9.34 5.76
CA VAL A 95 12.59 10.22 4.75
C VAL A 95 12.21 11.52 5.46
N ASP A 96 12.75 12.64 5.00
CA ASP A 96 12.25 13.95 5.39
C ASP A 96 11.35 14.47 4.28
N TYR A 97 10.03 14.30 4.46
CA TYR A 97 9.05 14.56 3.43
C TYR A 97 9.01 16.05 3.07
N GLY A 98 9.26 16.93 4.06
CA GLY A 98 9.21 18.36 3.84
C GLY A 98 10.33 18.83 2.91
N LEU A 99 11.55 18.34 3.19
CA LEU A 99 12.68 18.61 2.30
C LEU A 99 12.40 18.00 0.93
N LEU A 100 11.81 16.80 0.93
CA LEU A 100 11.55 16.05 -0.29
C LEU A 100 10.52 16.79 -1.15
N TYR A 101 9.47 17.33 -0.52
CA TYR A 101 8.45 18.11 -1.21
C TYR A 101 9.10 19.30 -1.93
N ALA A 102 9.99 19.99 -1.22
CA ALA A 102 10.59 21.22 -1.71
C ALA A 102 11.57 20.97 -2.85
N TRP A 103 12.24 19.81 -2.85
CA TRP A 103 13.33 19.57 -3.80
C TRP A 103 12.88 18.73 -4.98
N LYS A 104 12.13 17.64 -4.73
CA LYS A 104 11.88 16.65 -5.76
C LYS A 104 10.91 17.20 -6.81
N TRP A 105 9.82 17.83 -6.36
CA TRP A 105 8.82 18.36 -7.29
C TRP A 105 9.48 19.33 -8.28
N PRO A 106 10.32 20.30 -7.83
CA PRO A 106 11.10 21.13 -8.75
C PRO A 106 12.05 20.33 -9.63
N ALA A 107 12.66 19.28 -9.06
CA ALA A 107 13.55 18.41 -9.81
C ALA A 107 12.80 17.77 -10.97
N LEU A 108 11.58 17.33 -10.70
CA LEU A 108 10.75 16.65 -11.68
C LEU A 108 10.33 17.61 -12.79
N LYS A 109 10.01 18.86 -12.42
CA LYS A 109 9.63 19.87 -13.41
C LYS A 109 10.78 20.18 -14.35
N GLU A 110 11.99 20.32 -13.79
CA GLU A 110 13.17 20.64 -14.56
C GLU A 110 13.46 19.52 -15.56
N ALA A 111 13.36 18.27 -15.07
CA ALA A 111 13.50 17.09 -15.91
C ALA A 111 12.52 17.14 -17.09
N PHE A 112 11.26 17.51 -16.81
CA PHE A 112 10.22 17.53 -17.82
C PHE A 112 10.60 18.51 -18.94
N ARG A 113 11.05 19.71 -18.55
CA ARG A 113 11.43 20.74 -19.49
C ARG A 113 12.61 20.25 -20.33
N GLY A 114 13.56 19.55 -19.68
CA GLY A 114 14.72 19.00 -20.36
C GLY A 114 14.34 17.90 -21.36
N PHE A 115 13.32 17.11 -21.00
CA PHE A 115 12.84 16.04 -21.86
C PHE A 115 12.17 16.63 -23.09
N GLN A 116 11.29 17.61 -22.89
CA GLN A 116 10.52 18.20 -23.97
C GLN A 116 11.45 18.84 -24.99
N GLU A 117 12.57 19.40 -24.53
CA GLU A 117 13.56 20.01 -25.40
C GLU A 117 14.38 18.94 -26.12
N LYS A 118 14.91 17.97 -25.36
CA LYS A 118 16.05 17.18 -25.81
C LYS A 118 15.69 15.75 -26.17
N ALA A 119 14.53 15.24 -25.73
CA ALA A 119 14.24 13.81 -25.81
C ALA A 119 14.22 13.35 -27.26
N PRO A 120 14.62 12.08 -27.56
CA PRO A 120 14.43 11.52 -28.88
C PRO A 120 12.94 11.39 -29.23
N PRO A 121 12.55 11.52 -30.52
CA PRO A 121 11.14 11.42 -30.90
C PRO A 121 10.50 10.09 -30.51
N GLU A 122 11.32 9.03 -30.47
CA GLU A 122 10.86 7.70 -30.09
C GLU A 122 10.32 7.74 -28.66
N GLU A 123 11.05 8.40 -27.75
CA GLU A 123 10.62 8.57 -26.38
C GLU A 123 9.34 9.42 -26.32
N ARG A 124 9.33 10.52 -27.08
CA ARG A 124 8.22 11.46 -27.01
C ARG A 124 6.96 10.83 -27.59
N GLU A 125 7.10 9.81 -28.43
CA GLU A 125 5.95 9.11 -28.99
C GLU A 125 5.35 8.17 -27.93
N ASP A 126 6.19 7.46 -27.17
CA ASP A 126 5.68 6.50 -26.20
C ASP A 126 5.03 7.22 -25.02
N PHE A 127 5.52 8.42 -24.70
CA PHE A 127 4.86 9.30 -23.72
C PHE A 127 3.50 9.73 -24.27
N ALA A 128 3.47 10.07 -25.57
CA ALA A 128 2.23 10.51 -26.21
C ALA A 128 1.23 9.36 -26.28
N ALA A 129 1.71 8.17 -26.65
CA ALA A 129 0.88 6.98 -26.71
C ALA A 129 0.34 6.60 -25.32
N PHE A 130 1.15 6.85 -24.27
CA PHE A 130 0.78 6.52 -22.90
C PHE A 130 -0.38 7.39 -22.42
N ARG A 131 -0.36 8.67 -22.78
CA ARG A 131 -1.35 9.62 -22.32
C ARG A 131 -2.73 9.28 -22.90
N GLU A 132 -2.74 8.77 -24.13
CA GLU A 132 -3.98 8.43 -24.81
C GLU A 132 -4.57 7.15 -24.22
N LYS A 133 -3.69 6.20 -23.88
CA LYS A 133 -4.09 4.91 -23.33
C LYS A 133 -4.62 5.05 -21.91
N GLU A 134 -4.00 5.92 -21.11
CA GLU A 134 -4.31 6.04 -19.70
C GLU A 134 -5.25 7.22 -19.44
N ALA A 135 -5.65 7.91 -20.50
CA ALA A 135 -6.46 9.12 -20.42
C ALA A 135 -7.67 8.94 -19.50
N TRP A 136 -8.31 7.76 -19.57
CA TRP A 136 -9.55 7.52 -18.83
C TRP A 136 -9.40 7.80 -17.33
N TRP A 137 -8.18 7.63 -16.80
CA TRP A 137 -7.90 8.04 -15.44
C TRP A 137 -6.92 9.22 -15.41
N LEU A 138 -6.01 9.28 -16.39
CA LEU A 138 -4.89 10.21 -16.34
C LEU A 138 -5.33 11.65 -16.53
N GLU A 139 -6.32 11.89 -17.40
CA GLU A 139 -6.77 13.23 -17.70
C GLU A 139 -7.23 13.94 -16.43
N ASP A 140 -8.01 13.23 -15.61
CA ASP A 140 -8.58 13.80 -14.40
C ASP A 140 -7.49 13.95 -13.35
N TYR A 141 -6.62 12.94 -13.24
CA TYR A 141 -5.57 12.96 -12.21
C TYR A 141 -4.70 14.19 -12.42
N ALA A 142 -4.16 14.32 -13.64
CA ALA A 142 -3.25 15.40 -14.02
C ALA A 142 -3.86 16.77 -13.75
N LEU A 143 -5.17 16.90 -14.05
CA LEU A 143 -5.88 18.16 -13.87
C LEU A 143 -6.15 18.39 -12.39
N PHE A 144 -6.49 17.32 -11.65
CA PHE A 144 -6.74 17.42 -10.23
C PHE A 144 -5.50 17.96 -9.52
N MET A 145 -4.32 17.46 -9.92
CA MET A 145 -3.07 17.89 -9.30
C MET A 145 -2.76 19.34 -9.68
N ALA A 146 -2.99 19.68 -10.96
CA ALA A 146 -2.70 21.01 -11.47
C ALA A 146 -3.61 22.05 -10.80
N LEU A 147 -4.90 21.70 -10.67
CA LEU A 147 -5.86 22.54 -10.00
C LEU A 147 -5.50 22.68 -8.52
N LYS A 148 -4.99 21.61 -7.92
CA LYS A 148 -4.67 21.59 -6.50
C LYS A 148 -3.56 22.60 -6.20
N GLY A 149 -2.51 22.60 -7.00
CA GLY A 149 -1.41 23.54 -6.85
C GLY A 149 -1.87 24.98 -7.11
N ALA A 150 -2.70 25.15 -8.15
CA ALA A 150 -3.25 26.44 -8.50
C ALA A 150 -4.20 26.95 -7.40
N HIS A 151 -4.90 26.02 -6.73
CA HIS A 151 -5.82 26.37 -5.66
C HIS A 151 -5.16 26.16 -4.30
N GLY A 152 -3.82 26.11 -4.29
CA GLY A 152 -3.04 26.26 -3.08
C GLY A 152 -3.17 25.08 -2.11
N GLY A 153 -3.42 23.89 -2.65
CA GLY A 153 -3.51 22.69 -1.84
C GLY A 153 -4.90 22.50 -1.23
N LEU A 154 -5.84 23.41 -1.52
CA LEU A 154 -7.20 23.29 -1.02
C LEU A 154 -7.80 22.00 -1.57
N PRO A 155 -8.64 21.28 -0.78
CA PRO A 155 -9.40 20.17 -1.32
C PRO A 155 -10.35 20.60 -2.44
N TRP A 156 -10.72 19.64 -3.30
CA TRP A 156 -11.61 19.91 -4.42
C TRP A 156 -12.98 20.38 -3.91
N ASN A 157 -13.34 19.93 -2.70
CA ASN A 157 -14.58 20.32 -2.06
C ASN A 157 -14.56 21.81 -1.73
N ARG A 158 -13.36 22.38 -1.61
CA ARG A 158 -13.17 23.77 -1.24
C ARG A 158 -12.91 24.63 -2.47
N TRP A 159 -12.97 24.03 -3.68
CA TRP A 159 -12.68 24.75 -4.91
C TRP A 159 -13.89 25.56 -5.36
N PRO A 160 -13.72 26.51 -6.32
CA PRO A 160 -14.85 27.22 -6.91
C PRO A 160 -15.85 26.33 -7.62
N LEU A 161 -17.13 26.69 -7.54
CA LEU A 161 -18.23 25.75 -7.75
C LEU A 161 -18.22 25.14 -9.15
N PRO A 162 -18.13 25.93 -10.26
CA PRO A 162 -18.17 25.35 -11.60
C PRO A 162 -17.09 24.29 -11.84
N LEU A 163 -15.90 24.54 -11.28
CA LEU A 163 -14.79 23.59 -11.34
C LEU A 163 -15.10 22.36 -10.49
N ARG A 164 -15.69 22.59 -9.31
CA ARG A 164 -16.00 21.53 -8.37
C ARG A 164 -17.03 20.59 -8.97
N LYS A 165 -18.00 21.17 -9.68
CA LYS A 165 -19.11 20.43 -10.26
C LYS A 165 -18.74 19.89 -11.65
N ARG A 166 -17.60 20.35 -12.19
CA ARG A 166 -17.03 19.84 -13.43
C ARG A 166 -17.89 20.21 -14.62
N GLU A 167 -18.28 21.50 -14.69
CA GLU A 167 -18.96 22.04 -15.85
C GLU A 167 -17.97 22.08 -17.02
N GLU A 168 -18.45 21.71 -18.21
CA GLU A 168 -17.59 21.38 -19.34
C GLU A 168 -16.72 22.58 -19.74
N GLN A 169 -17.31 23.78 -19.73
CA GLN A 169 -16.63 25.00 -20.15
C GLN A 169 -15.47 25.25 -19.19
N ALA A 170 -15.75 25.13 -17.89
CA ALA A 170 -14.75 25.35 -16.84
C ALA A 170 -13.63 24.34 -16.94
N LEU A 171 -13.97 23.09 -17.28
CA LEU A 171 -12.99 22.00 -17.41
C LEU A 171 -12.05 22.30 -18.57
N ARG A 172 -12.64 22.73 -19.69
CA ARG A 172 -11.92 23.04 -20.91
C ARG A 172 -10.93 24.18 -20.65
N GLU A 173 -11.43 25.25 -20.02
CA GLU A 173 -10.67 26.46 -19.79
C GLU A 173 -9.55 26.22 -18.78
N ALA A 174 -9.82 25.34 -17.80
CA ALA A 174 -8.83 25.00 -16.79
C ALA A 174 -7.68 24.22 -17.42
N LYS A 175 -8.01 23.30 -18.33
CA LYS A 175 -7.01 22.48 -19.00
C LYS A 175 -6.09 23.34 -19.85
N SER A 176 -6.68 24.31 -20.58
CA SER A 176 -5.91 25.22 -21.40
C SER A 176 -4.99 26.08 -20.52
N ALA A 177 -5.50 26.50 -19.36
CA ALA A 177 -4.78 27.39 -18.46
C ALA A 177 -3.64 26.65 -17.76
N LEU A 178 -3.82 25.35 -17.50
CA LEU A 178 -2.85 24.55 -16.77
C LEU A 178 -2.28 23.45 -17.66
N ALA A 179 -2.17 23.71 -18.98
CA ALA A 179 -1.85 22.67 -19.93
C ALA A 179 -0.42 22.17 -19.73
N GLU A 180 0.50 23.09 -19.42
CA GLU A 180 1.87 22.71 -19.10
C GLU A 180 1.90 21.89 -17.82
N GLU A 181 1.05 22.27 -16.85
CA GLU A 181 0.97 21.58 -15.58
C GLU A 181 0.35 20.20 -15.78
N VAL A 182 -0.68 20.13 -16.63
CA VAL A 182 -1.37 18.88 -16.90
C VAL A 182 -0.40 17.91 -17.58
N ALA A 183 0.38 18.44 -18.53
CA ALA A 183 1.40 17.65 -19.22
C ALA A 183 2.43 17.12 -18.24
N PHE A 184 2.80 17.94 -17.25
CA PHE A 184 3.87 17.59 -16.31
C PHE A 184 3.44 16.40 -15.45
N HIS A 185 2.24 16.47 -14.88
CA HIS A 185 1.74 15.41 -14.02
C HIS A 185 1.59 14.11 -14.81
N ALA A 186 1.26 14.23 -16.10
CA ALA A 186 1.17 13.10 -17.00
C ALA A 186 2.54 12.46 -17.21
N PHE A 187 3.58 13.30 -17.29
CA PHE A 187 4.96 12.85 -17.47
C PHE A 187 5.41 12.07 -16.24
N THR A 188 5.03 12.53 -15.04
CA THR A 188 5.47 11.87 -13.82
C THR A 188 4.95 10.43 -13.80
N GLN A 189 3.72 10.25 -14.28
CA GLN A 189 3.06 8.95 -14.31
C GLN A 189 3.75 8.05 -15.33
N TRP A 190 3.96 8.57 -16.55
CA TRP A 190 4.65 7.83 -17.60
C TRP A 190 5.97 7.27 -17.07
N LEU A 191 6.75 8.12 -16.38
CA LEU A 191 8.00 7.68 -15.78
C LEU A 191 7.74 6.58 -14.76
N PHE A 192 6.74 6.77 -13.89
CA PHE A 192 6.43 5.84 -12.83
C PHE A 192 6.12 4.46 -13.41
N PHE A 193 5.21 4.42 -14.39
CA PHE A 193 4.68 3.16 -14.88
C PHE A 193 5.77 2.46 -15.70
N ARG A 194 6.59 3.24 -16.41
CA ARG A 194 7.73 2.73 -17.15
C ARG A 194 8.70 2.05 -16.19
N GLN A 195 9.05 2.73 -15.10
CA GLN A 195 10.05 2.25 -14.15
C GLN A 195 9.53 1.06 -13.36
N TRP A 196 8.23 1.03 -13.06
CA TRP A 196 7.67 -0.10 -12.35
C TRP A 196 7.54 -1.31 -13.28
N GLY A 197 7.25 -1.04 -14.56
CA GLY A 197 7.10 -2.08 -15.56
C GLY A 197 8.40 -2.87 -15.74
N ALA A 198 9.53 -2.15 -15.73
CA ALA A 198 10.85 -2.77 -15.77
C ALA A 198 11.11 -3.55 -14.49
N LEU A 199 10.70 -2.98 -13.36
CA LEU A 199 10.99 -3.55 -12.05
C LEU A 199 10.23 -4.86 -11.89
N LYS A 200 8.94 -4.86 -12.28
CA LYS A 200 8.11 -6.04 -12.23
C LYS A 200 8.68 -7.13 -13.13
N ALA A 201 9.23 -6.73 -14.28
CA ALA A 201 9.83 -7.66 -15.22
C ALA A 201 10.99 -8.40 -14.55
N GLU A 202 11.84 -7.64 -13.85
CA GLU A 202 13.00 -8.18 -13.16
C GLU A 202 12.52 -9.18 -12.11
N ALA A 203 11.48 -8.81 -11.35
CA ALA A 203 10.94 -9.65 -10.29
C ALA A 203 10.51 -11.00 -10.87
N GLU A 204 9.68 -10.95 -11.92
CA GLU A 204 9.15 -12.14 -12.57
C GLU A 204 10.27 -13.05 -13.05
N ALA A 205 11.34 -12.46 -13.61
CA ALA A 205 12.49 -13.21 -14.04
C ALA A 205 13.08 -13.99 -12.87
N LEU A 206 13.12 -13.34 -11.69
CA LEU A 206 13.68 -13.92 -10.47
C LEU A 206 12.63 -14.74 -9.73
N GLY A 207 11.43 -14.88 -10.30
CA GLY A 207 10.38 -15.67 -9.69
C GLY A 207 9.81 -15.03 -8.43
N ILE A 208 9.65 -13.70 -8.48
CA ILE A 208 9.13 -12.96 -7.34
C ILE A 208 7.78 -12.35 -7.75
N ARG A 209 6.77 -12.59 -6.90
CA ARG A 209 5.46 -11.99 -7.07
C ARG A 209 5.34 -10.81 -6.12
N ILE A 210 4.86 -9.68 -6.66
CA ILE A 210 4.67 -8.47 -5.87
C ILE A 210 3.27 -8.49 -5.28
N LEU A 211 3.19 -8.38 -3.95
N LEU A 211 3.19 -8.34 -3.95
CA LEU A 211 1.93 -8.22 -3.25
CA LEU A 211 1.92 -8.23 -3.26
C LEU A 211 1.65 -6.74 -3.07
C LEU A 211 1.62 -6.74 -3.04
N GLY A 212 0.55 -6.26 -3.67
CA GLY A 212 0.15 -4.87 -3.55
C GLY A 212 -0.80 -4.67 -2.38
N ASP A 213 -1.13 -3.41 -2.11
CA ASP A 213 -1.98 -3.04 -0.99
C ASP A 213 -2.92 -1.93 -1.46
N MET A 214 -4.21 -2.06 -1.17
CA MET A 214 -5.16 -1.00 -1.49
C MET A 214 -6.18 -0.89 -0.36
N PRO A 215 -6.46 0.34 0.14
CA PRO A 215 -7.56 0.53 1.08
C PRO A 215 -8.90 0.32 0.37
N ILE A 216 -9.89 -0.24 1.08
CA ILE A 216 -11.20 -0.45 0.48
C ILE A 216 -11.82 0.91 0.15
N PHE A 217 -11.64 1.89 1.04
CA PHE A 217 -12.18 3.22 0.86
C PHE A 217 -11.07 4.17 0.39
N VAL A 218 -11.38 4.96 -0.65
CA VAL A 218 -10.51 6.02 -1.13
C VAL A 218 -10.66 7.21 -0.20
N ALA A 219 -9.81 8.23 -0.40
CA ALA A 219 -9.84 9.47 0.35
C ALA A 219 -10.86 10.43 -0.24
N GLU A 220 -11.33 11.36 0.58
CA GLU A 220 -12.29 12.38 0.16
C GLU A 220 -11.64 13.32 -0.85
N ASP A 221 -10.40 13.73 -0.57
CA ASP A 221 -9.65 14.61 -1.44
C ASP A 221 -8.87 13.77 -2.46
N SER A 222 -9.57 13.32 -3.51
CA SER A 222 -8.99 12.45 -4.51
C SER A 222 -9.62 12.75 -5.87
N ALA A 223 -8.89 12.37 -6.94
CA ALA A 223 -9.29 12.68 -8.30
C ALA A 223 -10.56 11.92 -8.69
N GLU A 224 -10.67 10.67 -8.26
CA GLU A 224 -11.76 9.80 -8.66
C GLU A 224 -13.06 10.29 -8.05
N VAL A 225 -13.00 10.72 -6.78
CA VAL A 225 -14.17 11.24 -6.08
C VAL A 225 -14.62 12.52 -6.78
N TRP A 226 -13.66 13.40 -7.08
CA TRP A 226 -13.94 14.62 -7.82
C TRP A 226 -14.55 14.30 -9.18
N ALA A 227 -14.02 13.26 -9.83
CA ALA A 227 -14.38 12.91 -11.19
C ALA A 227 -15.76 12.24 -11.28
N HIS A 228 -16.10 11.41 -10.28
CA HIS A 228 -17.30 10.59 -10.36
C HIS A 228 -18.13 10.71 -9.08
N PRO A 229 -18.67 11.92 -8.78
CA PRO A 229 -19.34 12.15 -7.49
C PRO A 229 -20.54 11.25 -7.23
N GLU A 230 -21.22 10.83 -8.31
CA GLU A 230 -22.39 9.96 -8.19
C GLU A 230 -22.02 8.65 -7.50
N TRP A 231 -20.80 8.14 -7.76
CA TRP A 231 -20.34 6.91 -7.13
C TRP A 231 -20.29 7.06 -5.61
N PHE A 232 -20.07 8.28 -5.14
CA PHE A 232 -19.93 8.55 -3.71
C PHE A 232 -21.21 9.19 -3.18
N HIS A 233 -21.45 9.02 -1.87
CA HIS A 233 -22.56 9.68 -1.19
C HIS A 233 -22.15 11.11 -0.83
N LEU A 234 -22.48 12.07 -1.69
CA LEU A 234 -21.98 13.42 -1.54
C LEU A 234 -23.14 14.42 -1.65
N ASP A 235 -23.06 15.49 -0.85
CA ASP A 235 -24.04 16.55 -0.88
C ASP A 235 -23.76 17.45 -2.08
N GLU A 236 -24.57 18.51 -2.21
CA GLU A 236 -24.48 19.47 -3.30
C GLU A 236 -23.12 20.17 -3.26
N GLU A 237 -22.58 20.32 -2.05
CA GLU A 237 -21.31 20.99 -1.82
C GLU A 237 -20.16 20.05 -2.16
N GLY A 238 -20.45 18.75 -2.22
CA GLY A 238 -19.43 17.72 -2.40
C GLY A 238 -18.90 17.23 -1.05
N ARG A 239 -19.50 17.71 0.05
CA ARG A 239 -19.18 17.22 1.38
C ARG A 239 -19.87 15.88 1.59
N PRO A 240 -19.18 14.87 2.17
CA PRO A 240 -19.82 13.57 2.38
C PRO A 240 -21.02 13.64 3.32
N THR A 241 -22.13 13.01 2.92
CA THR A 241 -23.34 12.96 3.72
C THR A 241 -23.13 11.95 4.86
N VAL A 242 -22.31 10.94 4.58
CA VAL A 242 -21.93 9.91 5.54
C VAL A 242 -20.44 9.62 5.36
N VAL A 243 -19.81 9.09 6.41
CA VAL A 243 -18.37 8.86 6.40
C VAL A 243 -18.08 7.43 6.87
N ALA A 244 -16.99 6.87 6.33
CA ALA A 244 -16.54 5.53 6.71
C ALA A 244 -16.02 5.56 8.15
N GLY A 245 -16.18 4.42 8.84
CA GLY A 245 -15.71 4.29 10.20
C GLY A 245 -15.79 2.85 10.67
N VAL A 246 -15.44 2.63 11.95
CA VAL A 246 -15.55 1.33 12.57
C VAL A 246 -16.28 1.52 13.90
N PRO A 247 -17.27 0.66 14.25
CA PRO A 247 -18.02 0.86 15.48
C PRO A 247 -17.16 0.69 16.72
N PRO A 248 -17.62 1.18 17.90
CA PRO A 248 -16.94 0.94 19.16
C PRO A 248 -16.69 -0.54 19.43
N SER A 252 -11.93 -1.34 20.45
CA SER A 252 -11.94 0.14 20.37
C SER A 252 -13.22 0.67 21.03
N GLU A 253 -13.07 1.29 22.21
CA GLU A 253 -14.20 1.69 23.03
C GLU A 253 -14.85 2.96 22.46
N THR A 254 -14.08 3.76 21.74
CA THR A 254 -14.59 4.96 21.10
C THR A 254 -15.20 4.61 19.73
N GLY A 255 -14.68 3.55 19.12
CA GLY A 255 -14.83 3.34 17.68
C GLY A 255 -13.82 4.20 16.93
N GLN A 256 -13.95 4.29 15.61
CA GLN A 256 -13.09 5.17 14.84
C GLN A 256 -13.89 5.80 13.70
N ARG A 257 -13.75 7.12 13.55
CA ARG A 257 -14.35 7.86 12.45
C ARG A 257 -13.26 8.27 11.47
N TRP A 258 -13.20 7.56 10.34
CA TRP A 258 -12.12 7.70 9.38
C TRP A 258 -12.36 8.91 8.47
N GLY A 259 -13.63 9.11 8.09
CA GLY A 259 -14.02 10.28 7.31
C GLY A 259 -14.10 9.97 5.82
N ASN A 260 -13.65 8.77 5.42
CA ASN A 260 -13.56 8.42 4.02
C ASN A 260 -14.96 8.39 3.41
N PRO A 261 -15.12 8.81 2.12
CA PRO A 261 -16.41 8.73 1.45
C PRO A 261 -16.82 7.28 1.20
N LEU A 262 -18.12 7.02 1.37
CA LEU A 262 -18.65 5.69 1.19
C LEU A 262 -19.24 5.58 -0.22
N TYR A 263 -19.24 4.36 -0.76
CA TYR A 263 -19.64 4.13 -2.13
C TYR A 263 -21.15 4.00 -2.19
N ARG A 264 -21.75 4.63 -3.21
CA ARG A 264 -23.10 4.30 -3.63
C ARG A 264 -23.03 2.97 -4.38
N TRP A 265 -23.13 1.87 -3.62
CA TRP A 265 -22.93 0.54 -4.15
C TRP A 265 -23.97 0.20 -5.22
N ASP A 266 -25.21 0.64 -5.01
CA ASP A 266 -26.28 0.45 -5.98
C ASP A 266 -25.85 1.01 -7.33
N VAL A 267 -25.30 2.24 -7.33
CA VAL A 267 -24.87 2.90 -8.55
C VAL A 267 -23.79 2.05 -9.23
N LEU A 268 -22.82 1.59 -8.43
CA LEU A 268 -21.73 0.77 -8.93
C LEU A 268 -22.26 -0.57 -9.45
N GLU A 269 -23.24 -1.14 -8.75
CA GLU A 269 -23.82 -2.42 -9.14
C GLU A 269 -24.53 -2.27 -10.48
N ARG A 270 -25.30 -1.18 -10.64
CA ARG A 270 -25.89 -0.84 -11.92
C ARG A 270 -24.80 -0.83 -12.99
N GLU A 271 -23.64 -0.25 -12.66
CA GLU A 271 -22.57 -0.01 -13.62
C GLU A 271 -21.71 -1.25 -13.84
N GLY A 272 -22.06 -2.36 -13.18
CA GLY A 272 -21.26 -3.58 -13.25
C GLY A 272 -19.94 -3.42 -12.48
N PHE A 273 -19.99 -2.58 -11.44
CA PHE A 273 -18.87 -2.37 -10.53
C PHE A 273 -17.63 -1.89 -11.28
N SER A 274 -17.82 -0.96 -12.22
CA SER A 274 -16.78 -0.61 -13.18
C SER A 274 -15.55 -0.02 -12.48
N PHE A 275 -15.78 0.90 -11.53
CA PHE A 275 -14.69 1.51 -10.78
C PHE A 275 -13.78 0.45 -10.17
N TRP A 276 -14.38 -0.57 -9.56
CA TRP A 276 -13.62 -1.61 -8.87
C TRP A 276 -12.85 -2.47 -9.87
N ILE A 277 -13.51 -2.87 -10.96
CA ILE A 277 -12.87 -3.66 -12.01
C ILE A 277 -11.63 -2.91 -12.49
N ARG A 278 -11.80 -1.62 -12.81
CA ARG A 278 -10.71 -0.79 -13.30
C ARG A 278 -9.63 -0.68 -12.23
N ARG A 279 -10.04 -0.47 -10.98
CA ARG A 279 -9.10 -0.31 -9.88
C ARG A 279 -8.22 -1.55 -9.75
N LEU A 280 -8.84 -2.73 -9.81
CA LEU A 280 -8.12 -3.99 -9.69
C LEU A 280 -7.23 -4.22 -10.91
N GLU A 281 -7.77 -3.93 -12.11
CA GLU A 281 -7.04 -4.18 -13.34
C GLU A 281 -5.74 -3.36 -13.31
N LYS A 282 -5.84 -2.10 -12.86
CA LYS A 282 -4.68 -1.22 -12.75
C LYS A 282 -3.71 -1.77 -11.71
N ALA A 283 -4.24 -2.26 -10.59
CA ALA A 283 -3.43 -2.85 -9.54
C ALA A 283 -2.70 -4.08 -10.06
N LEU A 284 -3.38 -4.87 -10.89
CA LEU A 284 -2.84 -6.13 -11.40
C LEU A 284 -1.71 -5.88 -12.39
N GLU A 285 -1.68 -4.69 -13.01
CA GLU A 285 -0.57 -4.31 -13.85
C GLU A 285 0.69 -4.18 -12.99
N LEU A 286 0.54 -3.61 -11.79
CA LEU A 286 1.66 -3.41 -10.88
C LEU A 286 1.92 -4.67 -10.05
N PHE A 287 0.86 -5.39 -9.66
CA PHE A 287 0.96 -6.41 -8.63
C PHE A 287 0.48 -7.76 -9.14
N HIS A 288 0.88 -8.81 -8.42
CA HIS A 288 0.42 -10.16 -8.70
C HIS A 288 -0.77 -10.48 -7.80
N LEU A 289 -0.69 -10.04 -6.53
CA LEU A 289 -1.79 -10.18 -5.59
C LEU A 289 -2.06 -8.83 -4.93
N VAL A 290 -3.32 -8.58 -4.55
CA VAL A 290 -3.73 -7.30 -4.00
C VAL A 290 -4.39 -7.52 -2.65
N ARG A 291 -3.75 -7.05 -1.57
CA ARG A 291 -4.40 -7.04 -0.28
C ARG A 291 -5.34 -5.84 -0.21
N ILE A 292 -6.55 -6.07 0.32
CA ILE A 292 -7.48 -4.99 0.54
C ILE A 292 -7.67 -4.82 2.05
N ASP A 293 -7.40 -3.61 2.53
CA ASP A 293 -7.57 -3.27 3.93
C ASP A 293 -9.06 -3.09 4.19
N HIS A 294 -9.48 -3.35 5.43
CA HIS A 294 -10.89 -3.32 5.83
C HIS A 294 -11.73 -4.10 4.81
N PHE A 295 -11.27 -5.30 4.47
CA PHE A 295 -11.93 -6.19 3.53
C PHE A 295 -13.36 -6.48 3.98
N ARG A 296 -13.64 -6.36 5.28
CA ARG A 296 -14.95 -6.66 5.83
C ARG A 296 -16.02 -5.74 5.22
N GLY A 297 -15.61 -4.52 4.82
CA GLY A 297 -16.50 -3.55 4.20
C GLY A 297 -17.32 -4.14 3.04
N PHE A 298 -16.75 -5.10 2.31
CA PHE A 298 -17.42 -5.73 1.18
C PHE A 298 -18.67 -6.47 1.63
N GLU A 299 -18.61 -7.08 2.83
CA GLU A 299 -19.77 -7.72 3.43
C GLU A 299 -20.70 -6.64 3.96
N ALA A 300 -20.16 -5.71 4.76
CA ALA A 300 -20.95 -4.67 5.37
C ALA A 300 -20.04 -3.57 5.90
N TYR A 301 -20.57 -2.34 5.97
CA TYR A 301 -19.80 -1.19 6.40
C TYR A 301 -20.62 -0.35 7.38
N TRP A 302 -19.90 0.26 8.32
CA TRP A 302 -20.46 1.09 9.37
C TRP A 302 -20.61 2.52 8.84
N GLU A 303 -21.86 3.00 8.78
CA GLU A 303 -22.18 4.27 8.17
C GLU A 303 -22.42 5.31 9.26
N ILE A 304 -21.57 6.34 9.30
CA ILE A 304 -21.67 7.42 10.27
C ILE A 304 -22.12 8.67 9.53
N PRO A 305 -23.19 9.38 9.98
CA PRO A 305 -23.51 10.69 9.42
C PRO A 305 -22.38 11.68 9.64
N ALA A 306 -22.04 12.45 8.61
CA ALA A 306 -20.88 13.34 8.66
C ALA A 306 -21.07 14.40 9.74
N SER A 307 -22.31 14.84 9.95
CA SER A 307 -22.65 15.81 10.99
C SER A 307 -22.36 15.25 12.38
N CYS A 308 -22.58 13.93 12.57
CA CYS A 308 -22.23 13.28 13.83
C CYS A 308 -20.71 13.25 13.99
N PRO A 309 -20.17 13.67 15.15
CA PRO A 309 -18.72 13.85 15.29
C PRO A 309 -17.95 12.59 15.70
N THR A 310 -18.65 11.55 16.16
CA THR A 310 -18.01 10.39 16.75
C THR A 310 -18.36 9.13 15.98
N ALA A 311 -17.78 8.00 16.41
CA ALA A 311 -17.93 6.71 15.75
C ALA A 311 -19.16 5.96 16.24
N VAL A 312 -19.71 6.36 17.40
CA VAL A 312 -20.73 5.59 18.09
C VAL A 312 -22.09 5.72 17.42
N GLU A 313 -22.26 6.74 16.57
CA GLU A 313 -23.58 7.23 16.22
C GLU A 313 -24.19 6.46 15.06
N GLY A 314 -23.36 5.83 14.23
CA GLY A 314 -23.76 5.35 12.91
C GLY A 314 -24.49 4.02 12.94
N ARG A 315 -24.76 3.48 11.74
CA ARG A 315 -25.44 2.20 11.56
C ARG A 315 -24.62 1.30 10.62
N TRP A 316 -24.83 -0.02 10.72
CA TRP A 316 -24.27 -0.97 9.78
C TRP A 316 -25.12 -1.03 8.51
N VAL A 317 -24.46 -1.16 7.36
CA VAL A 317 -25.14 -1.29 6.08
C VAL A 317 -24.56 -2.51 5.37
N LYS A 318 -25.43 -3.32 4.76
CA LYS A 318 -25.02 -4.47 3.97
C LYS A 318 -24.45 -3.98 2.64
N ALA A 319 -23.44 -4.71 2.13
CA ALA A 319 -22.79 -4.39 0.88
C ALA A 319 -22.72 -5.63 -0.01
N PRO A 320 -22.78 -5.48 -1.34
CA PRO A 320 -22.78 -6.63 -2.26
C PRO A 320 -21.39 -7.16 -2.59
N GLY A 321 -20.69 -7.69 -1.58
CA GLY A 321 -19.39 -8.31 -1.78
C GLY A 321 -19.48 -9.48 -2.75
N GLU A 322 -20.44 -10.38 -2.49
N GLU A 322 -20.46 -10.37 -2.53
CA GLU A 322 -20.68 -11.58 -3.30
CA GLU A 322 -20.59 -11.59 -3.32
C GLU A 322 -20.69 -11.24 -4.78
C GLU A 322 -20.70 -11.25 -4.81
N LYS A 323 -21.49 -10.23 -5.14
CA LYS A 323 -21.73 -9.84 -6.52
C LYS A 323 -20.43 -9.31 -7.14
N LEU A 324 -19.73 -8.47 -6.38
CA LEU A 324 -18.50 -7.84 -6.85
C LEU A 324 -17.47 -8.92 -7.16
N PHE A 325 -17.36 -9.92 -6.29
CA PHE A 325 -16.40 -11.00 -6.46
C PHE A 325 -16.81 -11.89 -7.62
N GLN A 326 -18.12 -12.05 -7.84
CA GLN A 326 -18.63 -12.82 -8.97
C GLN A 326 -18.21 -12.15 -10.28
N LYS A 327 -18.30 -10.82 -10.32
CA LYS A 327 -17.91 -10.05 -11.49
C LYS A 327 -16.40 -10.18 -11.70
N ILE A 328 -15.62 -10.04 -10.62
CA ILE A 328 -14.17 -10.12 -10.67
C ILE A 328 -13.77 -11.50 -11.19
N GLN A 329 -14.30 -12.55 -10.54
CA GLN A 329 -13.99 -13.93 -10.87
C GLN A 329 -14.25 -14.19 -12.36
N GLU A 330 -15.31 -13.58 -12.90
CA GLU A 330 -15.73 -13.82 -14.28
C GLU A 330 -14.88 -12.99 -15.25
N THR A 331 -14.35 -11.86 -14.77
CA THR A 331 -13.55 -10.97 -15.59
C THR A 331 -12.12 -11.50 -15.71
N PHE A 332 -11.51 -11.81 -14.56
CA PHE A 332 -10.10 -12.14 -14.51
C PHE A 332 -9.88 -13.65 -14.46
N GLY A 333 -10.97 -14.42 -14.27
CA GLY A 333 -10.87 -15.86 -14.10
C GLY A 333 -10.40 -16.22 -12.69
N GLN A 334 -10.30 -15.21 -11.82
CA GLN A 334 -9.72 -15.38 -10.50
C GLN A 334 -10.07 -14.16 -9.64
N VAL A 335 -9.90 -14.30 -8.32
CA VAL A 335 -10.06 -13.20 -7.39
C VAL A 335 -8.74 -13.03 -6.65
N PRO A 336 -7.79 -12.22 -7.17
CA PRO A 336 -6.44 -12.15 -6.63
C PRO A 336 -6.34 -11.17 -5.46
N ILE A 337 -7.02 -11.51 -4.36
CA ILE A 337 -7.15 -10.62 -3.21
C ILE A 337 -6.65 -11.35 -1.96
N LEU A 338 -5.77 -10.67 -1.22
CA LEU A 338 -5.54 -10.98 0.19
C LEU A 338 -6.51 -10.15 1.02
N ALA A 339 -7.20 -10.79 1.97
CA ALA A 339 -8.16 -10.09 2.81
C ALA A 339 -7.49 -9.71 4.13
N GLU A 340 -7.39 -8.40 4.38
CA GLU A 340 -7.07 -7.91 5.71
C GLU A 340 -8.30 -8.14 6.57
N ASP A 341 -8.28 -9.21 7.37
CA ASP A 341 -9.42 -9.64 8.16
C ASP A 341 -9.08 -9.57 9.66
N LEU A 342 -8.22 -8.60 10.03
CA LEU A 342 -7.79 -8.43 11.40
C LEU A 342 -8.87 -7.70 12.18
N GLY A 343 -8.84 -7.83 13.52
CA GLY A 343 -9.79 -7.17 14.38
C GLY A 343 -11.11 -7.94 14.47
N VAL A 344 -12.16 -7.25 14.94
CA VAL A 344 -13.47 -7.87 15.11
C VAL A 344 -13.98 -8.33 13.75
N ILE A 345 -14.30 -9.62 13.64
CA ILE A 345 -14.76 -10.24 12.41
C ILE A 345 -16.04 -11.02 12.71
N THR A 346 -16.84 -11.26 11.65
CA THR A 346 -18.12 -11.94 11.77
C THR A 346 -18.08 -13.22 10.93
N PRO A 347 -18.95 -14.22 11.23
CA PRO A 347 -19.07 -15.39 10.37
C PRO A 347 -19.42 -15.06 8.93
N GLU A 348 -20.16 -13.97 8.72
CA GLU A 348 -20.54 -13.50 7.40
C GLU A 348 -19.28 -13.13 6.61
N VAL A 349 -18.40 -12.33 7.23
CA VAL A 349 -17.18 -11.87 6.58
C VAL A 349 -16.31 -13.08 6.26
N GLU A 350 -16.23 -14.03 7.20
CA GLU A 350 -15.48 -15.26 7.00
C GLU A 350 -16.09 -16.06 5.86
N ALA A 351 -17.42 -16.08 5.79
CA ALA A 351 -18.13 -16.82 4.76
C ALA A 351 -17.72 -16.34 3.37
N LEU A 352 -17.76 -15.02 3.17
CA LEU A 352 -17.38 -14.39 1.90
C LEU A 352 -15.95 -14.77 1.53
N ARG A 353 -15.01 -14.59 2.46
CA ARG A 353 -13.60 -14.79 2.19
C ARG A 353 -13.33 -16.24 1.79
N ASP A 354 -13.96 -17.20 2.50
CA ASP A 354 -13.74 -18.61 2.24
C ASP A 354 -14.43 -19.05 0.94
N ARG A 355 -15.51 -18.36 0.56
CA ARG A 355 -16.26 -18.69 -0.65
C ARG A 355 -15.40 -18.50 -1.89
N PHE A 356 -14.57 -17.46 -1.90
CA PHE A 356 -13.74 -17.13 -3.05
C PHE A 356 -12.33 -17.65 -2.82
N GLY A 357 -12.16 -18.47 -1.77
CA GLY A 357 -10.89 -19.09 -1.45
C GLY A 357 -9.81 -18.06 -1.15
N LEU A 358 -10.23 -16.89 -0.63
CA LEU A 358 -9.31 -15.80 -0.43
C LEU A 358 -8.46 -16.08 0.81
N PRO A 359 -7.13 -15.82 0.77
CA PRO A 359 -6.29 -15.96 1.95
C PRO A 359 -6.50 -14.83 2.96
N GLY A 360 -6.26 -15.14 4.24
CA GLY A 360 -6.45 -14.21 5.33
C GLY A 360 -5.14 -13.87 6.03
N MET A 361 -5.17 -12.85 6.90
CA MET A 361 -3.97 -12.39 7.56
C MET A 361 -3.86 -13.00 8.95
N LYS A 362 -2.60 -13.26 9.35
CA LYS A 362 -2.28 -13.66 10.71
C LYS A 362 -1.09 -12.82 11.17
N VAL A 363 -1.11 -12.35 12.43
CA VAL A 363 -0.04 -11.54 12.98
C VAL A 363 0.41 -12.13 14.31
N LEU A 364 1.71 -12.42 14.41
CA LEU A 364 2.27 -13.17 15.52
C LEU A 364 2.34 -12.30 16.79
N GLN A 365 2.51 -10.98 16.63
CA GLN A 365 2.59 -10.07 17.76
C GLN A 365 1.27 -10.08 18.57
N PHE A 366 0.15 -10.37 17.90
CA PHE A 366 -1.15 -10.38 18.55
C PHE A 366 -1.36 -11.64 19.38
N ALA A 367 -0.52 -12.67 19.19
CA ALA A 367 -0.89 -14.05 19.47
C ALA A 367 -0.80 -14.43 20.95
N PHE A 368 -0.02 -13.68 21.75
CA PHE A 368 0.37 -14.16 23.07
C PHE A 368 -0.25 -13.35 24.21
N ASP A 369 -1.28 -12.54 23.91
CA ASP A 369 -1.93 -11.75 24.94
C ASP A 369 -3.06 -12.55 25.60
N ASP A 370 -3.57 -13.57 24.90
CA ASP A 370 -4.72 -14.35 25.34
C ASP A 370 -4.23 -15.68 25.91
N GLY A 371 -5.03 -16.74 25.72
CA GLY A 371 -4.61 -18.11 26.01
C GLY A 371 -4.30 -18.86 24.71
N MET A 372 -4.46 -20.19 24.74
CA MET A 372 -4.13 -21.04 23.61
C MET A 372 -5.22 -20.96 22.53
N GLU A 373 -6.38 -20.39 22.89
CA GLU A 373 -7.48 -20.20 21.96
C GLU A 373 -7.16 -19.12 20.93
N ASN A 374 -6.16 -18.27 21.23
CA ASN A 374 -5.81 -17.13 20.41
C ASN A 374 -5.69 -17.54 18.94
N PRO A 375 -6.44 -16.91 18.00
CA PRO A 375 -6.42 -17.31 16.60
C PRO A 375 -5.07 -17.18 15.91
N PHE A 376 -4.23 -16.27 16.42
CA PHE A 376 -2.96 -15.94 15.78
C PHE A 376 -1.89 -16.97 16.17
N LEU A 377 -2.19 -17.84 17.14
CA LEU A 377 -1.30 -18.95 17.47
C LEU A 377 -1.35 -19.97 16.33
N PRO A 378 -0.18 -20.41 15.81
CA PRO A 378 -0.12 -21.25 14.62
C PRO A 378 -1.01 -22.49 14.64
N HIS A 379 -1.11 -23.15 15.80
CA HIS A 379 -1.85 -24.40 15.90
C HIS A 379 -3.32 -24.18 15.53
N ASN A 380 -3.79 -22.93 15.69
CA ASN A 380 -5.16 -22.57 15.37
C ASN A 380 -5.29 -22.12 13.90
N TYR A 381 -4.21 -22.16 13.13
CA TYR A 381 -4.26 -21.74 11.73
C TYR A 381 -5.03 -22.79 10.94
N PRO A 382 -5.81 -22.39 9.90
CA PRO A 382 -6.58 -23.33 9.10
C PRO A 382 -5.70 -24.27 8.27
N SER A 383 -6.16 -25.51 8.11
CA SER A 383 -5.40 -26.56 7.44
C SER A 383 -5.26 -26.28 5.95
N HIS A 384 -6.22 -25.52 5.40
CA HIS A 384 -6.18 -25.17 3.99
C HIS A 384 -4.97 -24.29 3.71
N GLY A 385 -4.48 -23.58 4.74
CA GLY A 385 -3.20 -22.91 4.71
C GLY A 385 -3.26 -21.54 4.01
N ARG A 386 -4.46 -21.13 3.58
CA ARG A 386 -4.63 -19.89 2.84
C ARG A 386 -4.59 -18.73 3.84
N VAL A 387 -3.39 -18.48 4.38
CA VAL A 387 -3.16 -17.38 5.29
C VAL A 387 -1.75 -16.86 5.04
N VAL A 388 -1.59 -15.54 5.19
CA VAL A 388 -0.26 -14.94 5.22
C VAL A 388 0.03 -14.56 6.67
N VAL A 389 1.09 -15.15 7.22
CA VAL A 389 1.48 -14.93 8.61
C VAL A 389 2.56 -13.83 8.63
N TYR A 390 2.35 -12.85 9.49
CA TYR A 390 3.29 -11.75 9.68
C TYR A 390 3.77 -11.80 11.13
N THR A 391 5.03 -11.42 11.35
CA THR A 391 5.50 -11.13 12.69
C THR A 391 4.76 -9.88 13.18
N GLY A 392 4.80 -8.83 12.36
CA GLY A 392 4.04 -7.62 12.64
C GLY A 392 3.64 -6.90 11.35
N THR A 393 2.72 -5.94 11.48
CA THR A 393 2.28 -5.13 10.36
C THR A 393 3.02 -3.79 10.38
N HIS A 394 2.75 -2.97 9.37
CA HIS A 394 3.32 -1.64 9.25
C HIS A 394 2.77 -0.72 10.33
N ASP A 395 1.57 -1.04 10.86
CA ASP A 395 0.97 -0.26 11.94
C ASP A 395 1.48 -0.71 13.30
N ASN A 396 2.04 -1.92 13.38
CA ASN A 396 2.60 -2.40 14.63
C ASN A 396 4.06 -1.96 14.72
N ASP A 397 4.65 -2.13 15.90
CA ASP A 397 6.05 -1.83 16.11
C ASP A 397 6.89 -2.99 15.58
N THR A 398 8.22 -2.83 15.56
CA THR A 398 9.11 -3.91 15.19
C THR A 398 9.02 -4.97 16.28
N THR A 399 9.32 -6.22 15.93
CA THR A 399 9.16 -7.32 16.87
C THR A 399 10.04 -7.06 18.09
N LEU A 400 11.25 -6.53 17.87
CA LEU A 400 12.17 -6.23 18.97
C LEU A 400 11.64 -5.10 19.83
N GLY A 401 11.04 -4.08 19.18
CA GLY A 401 10.41 -2.99 19.90
C GLY A 401 9.20 -3.45 20.70
N TRP A 402 8.42 -4.36 20.08
CA TRP A 402 7.27 -4.96 20.73
C TRP A 402 7.70 -5.77 21.95
N TYR A 403 8.80 -6.54 21.83
CA TYR A 403 9.25 -7.40 22.90
C TYR A 403 9.77 -6.56 24.06
N ARG A 404 10.24 -5.33 23.77
CA ARG A 404 10.76 -4.44 24.79
C ARG A 404 9.62 -3.77 25.55
N THR A 405 8.41 -3.74 24.97
CA THR A 405 7.26 -3.08 25.60
C THR A 405 6.20 -4.10 26.00
N ALA A 406 6.38 -5.37 25.65
CA ALA A 406 5.34 -6.38 25.85
C ALA A 406 5.22 -6.74 27.32
N THR A 407 4.08 -7.35 27.67
CA THR A 407 3.75 -7.66 29.06
C THR A 407 4.57 -8.86 29.49
N PRO A 408 4.81 -9.06 30.82
CA PRO A 408 5.45 -10.27 31.30
C PRO A 408 4.72 -11.55 30.90
N HIS A 409 3.39 -11.51 30.92
CA HIS A 409 2.59 -12.63 30.43
C HIS A 409 2.96 -12.95 28.98
N GLU A 410 2.84 -11.94 28.11
CA GLU A 410 3.11 -12.09 26.70
C GLU A 410 4.49 -12.71 26.48
N LYS A 411 5.50 -12.19 27.19
CA LYS A 411 6.88 -12.61 27.00
C LYS A 411 7.06 -14.06 27.44
N ALA A 412 6.44 -14.43 28.57
CA ALA A 412 6.59 -15.77 29.12
C ALA A 412 5.80 -16.78 28.28
N PHE A 413 4.57 -16.42 27.91
CA PHE A 413 3.73 -17.29 27.11
C PHE A 413 4.38 -17.55 25.75
N MET A 414 5.00 -16.51 25.16
CA MET A 414 5.70 -16.63 23.90
C MET A 414 6.83 -17.65 24.01
N ALA A 415 7.76 -17.40 24.95
CA ALA A 415 8.95 -18.24 25.12
C ALA A 415 8.56 -19.71 25.25
N ARG A 416 7.54 -19.97 26.08
CA ARG A 416 7.02 -21.30 26.33
C ARG A 416 6.48 -21.91 25.03
N TYR A 417 5.72 -21.12 24.28
CA TYR A 417 5.05 -21.61 23.07
C TYR A 417 6.09 -21.96 22.02
N LEU A 418 7.05 -21.04 21.82
CA LEU A 418 8.18 -21.29 20.93
C LEU A 418 8.88 -22.59 21.33
N ALA A 419 9.13 -22.75 22.63
CA ALA A 419 9.84 -23.90 23.17
C ALA A 419 9.12 -25.20 22.80
N ASP A 420 7.78 -25.17 22.87
CA ASP A 420 6.95 -26.29 22.51
C ASP A 420 7.09 -26.59 21.01
N TRP A 421 7.25 -25.54 20.21
CA TRP A 421 7.41 -25.68 18.76
C TRP A 421 8.87 -25.90 18.38
N GLY A 422 9.75 -26.02 19.40
CA GLY A 422 11.15 -26.35 19.18
C GLY A 422 12.02 -25.13 18.90
N ILE A 423 11.54 -23.94 19.25
CA ILE A 423 12.25 -22.70 18.97
C ILE A 423 12.69 -22.04 20.27
N PHE A 424 14.00 -21.84 20.42
CA PHE A 424 14.58 -21.24 21.62
C PHE A 424 15.40 -20.00 21.24
N PHE A 425 15.49 -19.06 22.20
CA PHE A 425 16.26 -17.83 22.02
C PHE A 425 16.94 -17.46 23.33
N ARG A 426 18.16 -16.92 23.22
CA ARG A 426 18.94 -16.49 24.38
C ARG A 426 19.00 -14.97 24.48
N GLU A 427 18.55 -14.25 23.43
CA GLU A 427 18.65 -12.81 23.42
C GLU A 427 17.38 -12.18 22.86
N GLU A 428 17.20 -10.88 23.14
CA GLU A 428 16.02 -10.16 22.70
C GLU A 428 16.15 -9.86 21.21
N GLU A 429 17.38 -9.75 20.71
CA GLU A 429 17.60 -9.53 19.28
C GLU A 429 17.32 -10.82 18.51
N GLU A 430 17.36 -11.97 19.20
CA GLU A 430 17.04 -13.26 18.62
C GLU A 430 15.52 -13.45 18.52
N VAL A 431 14.75 -12.69 19.31
CA VAL A 431 13.30 -12.88 19.41
C VAL A 431 12.65 -12.73 18.03
N PRO A 432 12.94 -11.67 17.25
CA PRO A 432 12.37 -11.56 15.91
C PRO A 432 12.65 -12.77 15.02
N TRP A 433 13.87 -13.31 15.10
CA TRP A 433 14.23 -14.47 14.29
C TRP A 433 13.46 -15.71 14.73
N ALA A 434 13.30 -15.91 16.04
CA ALA A 434 12.54 -17.03 16.57
C ALA A 434 11.09 -16.96 16.08
N LEU A 435 10.52 -15.75 16.06
CA LEU A 435 9.13 -15.57 15.66
C LEU A 435 8.97 -15.80 14.17
N MET A 436 10.00 -15.42 13.40
CA MET A 436 9.99 -15.66 11.97
C MET A 436 9.98 -17.16 11.72
N ARG A 437 10.76 -17.89 12.52
CA ARG A 437 10.82 -19.35 12.44
C ARG A 437 9.46 -19.96 12.78
N LEU A 438 8.78 -19.40 13.79
CA LEU A 438 7.48 -19.94 14.21
C LEU A 438 6.50 -19.87 13.04
N GLY A 439 6.46 -18.71 12.35
CA GLY A 439 5.61 -18.53 11.19
C GLY A 439 5.98 -19.48 10.04
N MET A 440 7.28 -19.70 9.81
CA MET A 440 7.71 -20.55 8.72
C MET A 440 7.31 -22.00 8.99
N LYS A 441 7.38 -22.45 10.25
CA LYS A 441 7.01 -23.82 10.60
C LYS A 441 5.49 -24.04 10.50
N SER A 442 4.71 -22.94 10.51
CA SER A 442 3.26 -23.02 10.51
C SER A 442 2.75 -23.53 9.17
N VAL A 443 1.44 -23.77 9.10
CA VAL A 443 0.78 -24.30 7.92
C VAL A 443 0.57 -23.20 6.88
N ALA A 444 0.72 -21.94 7.29
CA ALA A 444 0.45 -20.80 6.40
C ALA A 444 1.25 -20.94 5.12
N ARG A 445 0.57 -20.80 3.98
CA ARG A 445 1.20 -20.94 2.68
C ARG A 445 2.27 -19.87 2.48
N LEU A 446 1.97 -18.64 2.91
N LEU A 446 1.98 -18.65 2.94
CA LEU A 446 2.91 -17.54 2.80
CA LEU A 446 2.91 -17.54 2.80
C LEU A 446 3.24 -17.00 4.19
C LEU A 446 3.24 -16.96 4.17
N ALA A 447 4.53 -16.76 4.42
CA ALA A 447 5.01 -16.03 5.59
C ALA A 447 5.71 -14.78 5.08
N VAL A 448 5.19 -13.60 5.43
CA VAL A 448 5.76 -12.35 4.96
C VAL A 448 6.31 -11.58 6.17
N TYR A 449 7.60 -11.23 6.09
CA TYR A 449 8.28 -10.61 7.21
C TYR A 449 8.80 -9.23 6.81
N PRO A 450 8.58 -8.19 7.64
CA PRO A 450 9.18 -6.88 7.40
C PRO A 450 10.70 -6.93 7.55
N VAL A 451 11.38 -6.09 6.76
CA VAL A 451 12.84 -6.11 6.71
C VAL A 451 13.41 -5.69 8.08
N GLN A 452 12.64 -4.89 8.84
CA GLN A 452 13.05 -4.43 10.16
C GLN A 452 13.21 -5.59 11.13
N ASP A 453 12.46 -6.68 10.91
CA ASP A 453 12.58 -7.87 11.74
C ASP A 453 13.74 -8.75 11.27
N VAL A 454 14.05 -8.70 9.97
CA VAL A 454 15.23 -9.38 9.45
C VAL A 454 16.47 -8.77 10.10
N LEU A 455 16.49 -7.43 10.20
CA LEU A 455 17.62 -6.69 10.75
C LEU A 455 17.56 -6.66 12.28
N ALA A 456 16.42 -7.05 12.86
CA ALA A 456 16.21 -7.02 14.30
C ALA A 456 16.41 -5.59 14.80
N LEU A 457 15.74 -4.65 14.14
CA LEU A 457 15.78 -3.24 14.53
C LEU A 457 14.76 -3.00 15.64
N GLY A 458 15.03 -1.98 16.47
CA GLY A 458 14.13 -1.56 17.53
C GLY A 458 13.06 -0.61 17.01
N SER A 459 12.41 0.10 17.94
CA SER A 459 11.19 0.85 17.67
C SER A 459 11.47 2.11 16.84
N GLU A 460 12.73 2.51 16.74
CA GLU A 460 13.11 3.62 15.89
C GLU A 460 12.76 3.34 14.43
N ALA A 461 12.58 2.06 14.08
CA ALA A 461 12.38 1.66 12.70
C ALA A 461 10.92 1.35 12.40
N ARG A 462 10.02 1.67 13.33
CA ARG A 462 8.59 1.47 13.12
C ARG A 462 8.12 2.35 11.96
N MET A 463 7.43 1.73 11.00
CA MET A 463 6.96 2.45 9.82
C MET A 463 5.87 3.45 10.22
N ASN A 464 4.85 2.95 10.95
CA ASN A 464 3.72 3.77 11.35
C ASN A 464 3.39 3.50 12.82
N TYR A 465 3.16 4.58 13.58
CA TYR A 465 2.76 4.51 14.97
C TYR A 465 1.38 5.18 15.08
N PRO A 466 0.28 4.40 15.08
CA PRO A 466 -1.05 4.99 15.13
C PRO A 466 -1.29 5.81 16.39
N GLY A 467 -1.57 7.11 16.21
CA GLY A 467 -1.77 8.03 17.32
C GLY A 467 -0.55 8.91 17.55
N ARG A 468 0.46 8.79 16.68
CA ARG A 468 1.64 9.63 16.71
C ARG A 468 1.60 10.60 15.52
N PRO A 469 1.62 11.93 15.75
CA PRO A 469 1.42 12.90 14.68
C PRO A 469 2.53 12.95 13.62
N SER A 470 3.79 12.73 14.02
CA SER A 470 4.92 12.88 13.11
C SER A 470 5.83 11.65 13.16
N GLY A 471 6.70 11.53 12.15
CA GLY A 471 7.73 10.50 12.12
C GLY A 471 7.25 9.22 11.43
N ASN A 472 6.05 9.27 10.84
CA ASN A 472 5.45 8.10 10.22
C ASN A 472 5.87 8.01 8.75
N TRP A 473 5.98 6.76 8.27
CA TRP A 473 6.22 6.43 6.87
C TRP A 473 7.63 6.85 6.43
N ALA A 474 8.58 6.94 7.37
CA ALA A 474 9.85 7.60 7.07
C ALA A 474 11.03 6.62 7.12
N TRP A 475 10.87 5.47 7.79
CA TRP A 475 12.02 4.57 7.96
C TRP A 475 12.63 4.21 6.62
N ARG A 476 13.98 4.21 6.56
CA ARG A 476 14.70 3.79 5.37
C ARG A 476 15.85 2.85 5.75
N LEU A 477 16.06 1.83 4.91
CA LEU A 477 17.25 1.01 4.94
C LEU A 477 18.47 1.88 4.64
N LEU A 478 19.59 1.55 5.29
CA LEU A 478 20.89 2.10 4.94
C LEU A 478 21.49 1.22 3.84
N PRO A 479 22.30 1.76 2.90
CA PRO A 479 22.96 0.91 1.92
C PRO A 479 23.82 -0.18 2.57
N GLY A 480 23.70 -1.41 2.06
CA GLY A 480 24.51 -2.53 2.54
C GLY A 480 23.96 -3.17 3.81
N GLU A 481 22.93 -2.57 4.41
CA GLU A 481 22.45 -2.99 5.72
C GLU A 481 21.97 -4.44 5.63
N LEU A 482 21.31 -4.79 4.52
CA LEU A 482 20.80 -6.15 4.33
C LEU A 482 21.90 -7.05 3.79
N SER A 483 22.70 -7.62 4.70
CA SER A 483 23.94 -8.31 4.36
C SER A 483 23.65 -9.69 3.79
N PRO A 484 24.62 -10.31 3.07
CA PRO A 484 24.46 -11.68 2.59
C PRO A 484 24.12 -12.69 3.68
N GLU A 485 24.70 -12.50 4.88
CA GLU A 485 24.45 -13.38 6.01
C GLU A 485 22.98 -13.38 6.38
N HIS A 486 22.32 -12.22 6.35
CA HIS A 486 20.89 -12.14 6.61
C HIS A 486 20.15 -13.05 5.64
N GLY A 487 20.53 -12.95 4.35
CA GLY A 487 19.92 -13.73 3.28
C GLY A 487 20.14 -15.23 3.46
N GLU A 488 21.35 -15.60 3.89
CA GLU A 488 21.71 -17.00 4.08
C GLU A 488 20.93 -17.59 5.25
N ARG A 489 20.68 -16.78 6.29
CA ARG A 489 19.91 -17.21 7.45
C ARG A 489 18.46 -17.47 7.06
N LEU A 490 17.89 -16.61 6.21
CA LEU A 490 16.53 -16.78 5.73
C LEU A 490 16.42 -18.04 4.88
N ARG A 491 17.39 -18.25 4.00
CA ARG A 491 17.34 -19.36 3.06
C ARG A 491 17.36 -20.69 3.82
N ALA A 492 18.20 -20.78 4.86
CA ALA A 492 18.31 -21.97 5.69
C ALA A 492 16.98 -22.27 6.38
N MET A 493 16.33 -21.22 6.90
CA MET A 493 15.04 -21.35 7.56
C MET A 493 14.00 -21.88 6.57
N ALA A 494 14.09 -21.42 5.30
CA ALA A 494 13.13 -21.79 4.27
C ALA A 494 13.31 -23.23 3.83
N GLU A 495 14.58 -23.67 3.73
CA GLU A 495 14.91 -25.07 3.49
C GLU A 495 14.35 -25.94 4.62
N ALA A 496 14.53 -25.51 5.87
CA ALA A 496 14.11 -26.30 7.02
C ALA A 496 12.59 -26.34 7.15
N THR A 497 11.88 -25.34 6.63
CA THR A 497 10.44 -25.26 6.77
C THR A 497 9.76 -25.53 5.43
N GLU A 498 10.53 -26.07 4.47
CA GLU A 498 10.02 -26.49 3.18
C GLU A 498 9.38 -25.32 2.43
N ARG A 499 10.01 -24.15 2.50
CA ARG A 499 9.53 -22.95 1.82
C ARG A 499 10.47 -22.58 0.68
N LEU A 500 11.32 -23.54 0.26
CA LEU A 500 12.22 -23.35 -0.88
C LEU A 500 11.59 -23.97 -2.13
#